data_7LV9
#
_entry.id   7LV9
#
_cell.length_a   1.00
_cell.length_b   1.00
_cell.length_c   1.00
_cell.angle_alpha   90.00
_cell.angle_beta   90.00
_cell.angle_gamma   90.00
#
_symmetry.space_group_name_H-M   'P 1'
#
loop_
_entity.id
_entity.type
_entity.pdbx_description
1 polymer 'Histone doublet Delta-Gamma (Delta)'
2 polymer 'Histone doublet Delta-Gamma (Gamma)'
3 polymer 'Histone doublet Beta-Alpha (Beta)'
4 polymer 'Histone doublet Beta-Alpha (Alpha)'
5 polymer 'DNA (96-MER)'
6 polymer 'DNA (96-MER)'
#
loop_
_entity_poly.entity_id
_entity_poly.type
_entity_poly.pdbx_seq_one_letter_code
_entity_poly.pdbx_strand_id
1 'polypeptide(L)'
;LADHVSVGETQIPKASTQHLLRKAGSLSAAGDTEVPIRGFVHMKLHKLVQKSLLAMQLAKRKTIMKSDVKKAAELMHLPV
FAIPTKDSGAKGSVFLS
;
B,F
2 'polypeptide(L)'
;CRQKGAGSAGTGSETNSQEVRSQMRSTCLIIPKERFRTMAKEISKKEGHDVHIAEAALDMLQVIVESCTVRLLEKALVIT
YSGKRTRVTSKDIETAFMLEHGPLLE
;
A,E
3 'polypeptide(L)'
;MATQKETTRKRDKSVNFRLGLRNMLAQIHPDISVQTEALSELSNIAVFLGKKISHGAVTLLPEGTKTIKSSAVLLAAGDL
YGKDLGRHAVGEMTKAVTRYGSAK
;
D
4 'polypeptide(L)'
;ESKEGSRSSKAKLQISVARSERLLREHGGCSRVSEGAAVALAAAIEYFMGEVLELAGNAARDSKKVRISVKHITLAIQND
AALFAVVGKGVFSGAGVSLISVPIPRKKARKTTEKEASSPKKKAAPKKKKAASKQKKSLSDKELAKLTKKELAKYEKEQG
MSPGY
;
C
5 'polydeoxyribonucleotide'
;(DG)(DA)(DC)(DA)(DG)(DC)(DT)(DC)(DT)(DA)(DG)(DC)(DA)(DC)(DC)(DG)(DC)(DT)(DT)(DA)
(DA)(DA)(DC)(DG)(DC)(DA)(DC)(DG)(DT)(DA)(DC)(DG)(DG)(DA)(DT)(DT)(DC)(DT)(DC)(DC)
(DC)(DC)(DC)(DG)(DC)(DG)(DT)(DT)(DT)(DT)(DA)(DA)(DC)(DC)(DG)(DC)(DC)(DA)(DA)(DG)
(DG)(DG)(DG)(DA)(DT)(DT)(DA)(DC)(DT)(DC)(DC)(DC)(DT)(DA)(DG)(DT)(DC)(DT)(DC)(DC)
(DA)(DG)(DG)(DC)(DA)(DC)(DG)(DT)(DG)(DT)(DC)(DA)(DG)(DA)(DT)
;
G
6 'polydeoxyribonucleotide'
;(DA)(DT)(DC)(DT)(DG)(DA)(DC)(DA)(DC)(DG)(DT)(DG)(DC)(DC)(DT)(DG)(DG)(DA)(DG)(DA)
(DC)(DT)(DA)(DG)(DG)(DG)(DA)(DG)(DT)(DA)(DA)(DT)(DC)(DC)(DC)(DC)(DT)(DT)(DG)(DG)
(DC)(DG)(DG)(DT)(DT)(DA)(DA)(DA)(DA)(DC)(DG)(DC)(DG)(DG)(DG)(DG)(DG)(DA)(DG)(DA)
(DA)(DT)(DC)(DC)(DG)(DT)(DA)(DC)(DG)(DT)(DG)(DC)(DG)(DT)(DT)(DT)(DA)(DA)(DG)(DC)
(DG)(DG)(DT)(DG)(DC)(DT)(DA)(DG)(DA)(DG)(DC)(DT)(DG)(DT)(DC)
;
H
#
loop_
_chem_comp.id
_chem_comp.type
_chem_comp.name
_chem_comp.formula
DA DNA linking 2'-DEOXYADENOSINE-5'-MONOPHOSPHATE 'C10 H14 N5 O6 P'
DC DNA linking 2'-DEOXYCYTIDINE-5'-MONOPHOSPHATE 'C9 H14 N3 O7 P'
DG DNA linking 2'-DEOXYGUANOSINE-5'-MONOPHOSPHATE 'C10 H14 N5 O7 P'
DT DNA linking THYMIDINE-5'-MONOPHOSPHATE 'C10 H15 N2 O8 P'
#
# COMPACT_ATOMS: atom_id res chain seq x y z
N LEU A 1 13.15 12.02 -1.59
CA LEU A 1 12.66 13.38 -1.59
C LEU A 1 13.71 14.35 -1.08
N ALA A 2 13.94 14.33 0.23
CA ALA A 2 14.93 15.23 0.82
C ALA A 2 16.34 14.86 0.41
N ASP A 3 16.66 13.57 0.39
CA ASP A 3 18.01 13.10 0.11
C ASP A 3 18.07 12.16 -1.09
N HIS A 4 17.08 12.24 -1.99
CA HIS A 4 17.11 11.45 -3.20
C HIS A 4 17.85 12.13 -4.34
N VAL A 5 18.25 13.38 -4.17
CA VAL A 5 19.08 14.08 -5.14
C VAL A 5 20.53 13.93 -4.73
N SER A 6 21.40 13.68 -5.70
CA SER A 6 22.82 13.48 -5.45
C SER A 6 23.63 14.28 -6.46
N VAL A 7 24.79 14.75 -6.00
CA VAL A 7 25.68 15.51 -6.89
C VAL A 7 26.44 14.53 -7.78
N GLY A 8 26.59 14.90 -9.05
CA GLY A 8 27.30 14.06 -9.99
C GLY A 8 26.42 13.52 -11.10
N GLU A 9 25.11 13.51 -10.87
CA GLU A 9 24.14 12.99 -11.83
C GLU A 9 23.22 14.11 -12.29
N THR A 10 22.75 14.00 -13.53
CA THR A 10 21.94 15.06 -14.13
C THR A 10 20.56 15.12 -13.48
N GLN A 11 20.03 16.33 -13.34
CA GLN A 11 18.73 16.56 -12.73
C GLN A 11 17.92 17.53 -13.58
N ILE A 12 16.69 17.77 -13.15
CA ILE A 12 15.79 18.73 -13.82
C ILE A 12 16.37 20.14 -13.67
N PRO A 13 16.28 20.99 -14.70
CA PRO A 13 16.62 22.40 -14.51
C PRO A 13 15.70 23.07 -13.49
N LYS A 14 16.23 24.13 -12.87
CA LYS A 14 15.53 24.81 -11.77
C LYS A 14 14.22 25.43 -12.24
N ALA A 15 14.19 25.97 -13.46
CA ALA A 15 12.98 26.63 -13.95
C ALA A 15 11.87 25.64 -14.24
N SER A 16 12.21 24.41 -14.64
CA SER A 16 11.18 23.44 -14.98
C SER A 16 10.49 22.89 -13.73
N THR A 17 11.17 22.94 -12.58
CA THR A 17 10.52 22.55 -11.33
C THR A 17 9.47 23.57 -10.92
N GLN A 18 9.71 24.85 -11.20
CA GLN A 18 8.72 25.88 -10.89
C GLN A 18 7.53 25.79 -11.84
N HIS A 19 7.76 25.31 -13.06
CA HIS A 19 6.65 25.11 -14.00
C HIS A 19 5.72 24.00 -13.54
N LEU A 20 6.29 22.98 -12.87
CA LEU A 20 5.47 21.90 -12.34
C LEU A 20 4.55 22.39 -11.22
N LEU A 21 5.01 23.40 -10.47
CA LEU A 21 4.18 23.97 -9.42
C LEU A 21 3.05 24.81 -10.01
N ARG A 22 3.32 25.52 -11.09
CA ARG A 22 2.30 26.40 -11.67
C ARG A 22 1.21 25.61 -12.37
N LYS A 23 1.53 24.40 -12.84
CA LYS A 23 0.50 23.51 -13.35
C LYS A 23 -0.43 23.03 -12.25
N ALA A 24 0.06 22.95 -11.01
CA ALA A 24 -0.75 22.56 -9.87
C ALA A 24 -1.58 23.72 -9.31
N GLY A 25 -1.30 24.95 -9.72
CA GLY A 25 -2.07 26.09 -9.28
C GLY A 25 -1.48 26.89 -8.13
N SER A 26 -0.23 26.61 -7.75
CA SER A 26 0.41 27.35 -6.66
C SER A 26 0.81 28.74 -7.13
N LEU A 27 0.68 29.72 -6.24
CA LEU A 27 1.02 31.10 -6.56
C LEU A 27 2.40 31.48 -6.07
N SER A 28 2.75 31.09 -4.85
CA SER A 28 4.05 31.42 -4.27
C SER A 28 4.80 30.14 -3.94
N ALA A 29 6.08 30.10 -4.31
CA ALA A 29 6.93 28.93 -4.07
C ALA A 29 8.18 29.36 -3.33
N ALA A 30 8.58 28.56 -2.35
CA ALA A 30 9.76 28.84 -1.57
C ALA A 30 11.03 28.57 -2.39
N GLY A 31 12.15 29.11 -1.91
CA GLY A 31 13.42 28.93 -2.58
C GLY A 31 14.02 27.54 -2.42
N ASP A 32 13.61 26.80 -1.39
CA ASP A 32 14.10 25.45 -1.18
C ASP A 32 13.01 24.45 -1.61
N THR A 33 12.42 24.70 -2.78
CA THR A 33 11.40 23.81 -3.33
C THR A 33 11.97 22.91 -4.41
N GLU A 34 13.11 23.28 -4.99
CA GLU A 34 13.70 22.50 -6.07
C GLU A 34 14.19 21.15 -5.58
N VAL A 35 14.74 21.11 -4.36
CA VAL A 35 15.30 19.85 -3.83
C VAL A 35 14.24 18.77 -3.64
N PRO A 36 13.07 19.02 -3.03
CA PRO A 36 12.06 17.95 -2.99
C PRO A 36 11.47 17.59 -4.34
N ILE A 37 11.32 18.56 -5.25
CA ILE A 37 10.71 18.29 -6.55
C ILE A 37 11.67 17.46 -7.40
N ARG A 38 12.96 17.80 -7.39
CA ARG A 38 13.95 16.99 -8.10
C ARG A 38 14.05 15.59 -7.50
N GLY A 39 13.84 15.47 -6.19
CA GLY A 39 13.91 14.16 -5.56
C GLY A 39 12.77 13.25 -5.96
N PHE A 40 11.56 13.80 -6.09
CA PHE A 40 10.40 12.97 -6.38
C PHE A 40 10.41 12.44 -7.80
N VAL A 41 10.81 13.27 -8.76
CA VAL A 41 10.90 12.83 -10.14
C VAL A 41 12.01 11.79 -10.30
N HIS A 42 13.14 12.01 -9.64
CA HIS A 42 14.24 11.05 -9.68
C HIS A 42 13.86 9.75 -8.99
N MET A 43 12.95 9.81 -8.00
CA MET A 43 12.44 8.58 -7.40
C MET A 43 11.46 7.89 -8.33
N LYS A 44 10.57 8.65 -8.95
CA LYS A 44 9.55 8.04 -9.81
C LYS A 44 10.17 7.48 -11.09
N LEU A 45 11.19 8.14 -11.60
CA LEU A 45 11.90 7.59 -12.76
C LEU A 45 12.71 6.36 -12.39
N HIS A 46 13.27 6.34 -11.17
CA HIS A 46 13.99 5.17 -10.71
C HIS A 46 13.03 4.00 -10.47
N LYS A 47 11.80 4.30 -10.03
CA LYS A 47 10.80 3.26 -9.85
C LYS A 47 10.35 2.70 -11.19
N LEU A 48 10.12 3.58 -12.17
CA LEU A 48 9.59 3.13 -13.46
C LEU A 48 10.63 2.36 -14.27
N VAL A 49 11.89 2.80 -14.22
CA VAL A 49 12.94 2.13 -14.98
C VAL A 49 13.24 0.76 -14.41
N GLN A 50 13.23 0.64 -13.07
CA GLN A 50 13.55 -0.63 -12.42
C GLN A 50 12.52 -1.71 -12.75
N LYS A 51 11.24 -1.33 -12.80
CA LYS A 51 10.22 -2.28 -13.24
C LYS A 51 10.36 -2.59 -14.73
N SER A 52 10.70 -1.57 -15.53
CA SER A 52 10.79 -1.75 -16.97
C SER A 52 12.00 -2.60 -17.36
N LEU A 53 13.10 -2.48 -16.60
CA LEU A 53 14.30 -3.24 -16.91
C LEU A 53 14.07 -4.74 -16.76
N LEU A 54 13.35 -5.14 -15.71
CA LEU A 54 13.15 -6.57 -15.47
C LEU A 54 12.17 -7.18 -16.46
N ALA A 55 11.21 -6.38 -16.94
CA ALA A 55 10.34 -6.85 -18.00
C ALA A 55 11.11 -7.05 -19.31
N MET A 56 12.04 -6.14 -19.60
CA MET A 56 12.89 -6.27 -20.78
C MET A 56 13.87 -7.43 -20.63
N GLN A 57 14.44 -7.58 -19.43
CA GLN A 57 15.44 -8.62 -19.22
C GLN A 57 14.83 -10.01 -19.30
N LEU A 58 13.59 -10.16 -18.85
CA LEU A 58 12.95 -11.47 -18.84
C LEU A 58 12.55 -11.90 -20.25
N ALA A 59 12.35 -10.94 -21.16
CA ALA A 59 12.00 -11.22 -22.54
C ALA A 59 13.23 -11.37 -23.44
N LYS A 60 14.44 -11.33 -22.85
CA LYS A 60 15.71 -11.51 -23.56
C LYS A 60 15.94 -10.46 -24.63
N ARG A 61 15.39 -9.26 -24.44
CA ARG A 61 15.64 -8.14 -25.33
C ARG A 61 16.70 -7.23 -24.75
N LYS A 62 17.03 -6.18 -25.49
CA LYS A 62 18.00 -5.18 -25.03
C LYS A 62 17.50 -3.76 -25.17
N THR A 63 16.25 -3.55 -25.58
CA THR A 63 15.68 -2.23 -25.77
C THR A 63 14.36 -2.15 -25.04
N ILE A 64 14.20 -1.12 -24.21
CA ILE A 64 12.95 -0.89 -23.48
C ILE A 64 11.93 -0.29 -24.45
N MET A 65 10.96 -1.10 -24.86
CA MET A 65 9.94 -0.63 -25.79
C MET A 65 8.67 -0.23 -25.02
N LYS A 66 7.60 0.03 -25.76
CA LYS A 66 6.38 0.53 -25.13
C LYS A 66 5.64 -0.57 -24.38
N SER A 67 5.88 -1.84 -24.72
CA SER A 67 5.22 -2.92 -24.00
C SER A 67 5.84 -3.15 -22.63
N ASP A 68 7.14 -2.87 -22.50
CA ASP A 68 7.82 -3.08 -21.22
C ASP A 68 7.37 -2.04 -20.18
N VAL A 69 7.23 -0.79 -20.60
CA VAL A 69 6.78 0.25 -19.68
C VAL A 69 5.30 0.06 -19.34
N LYS A 70 4.51 -0.43 -20.30
CA LYS A 70 3.09 -0.67 -20.06
C LYS A 70 2.88 -1.76 -19.02
N LYS A 71 3.70 -2.81 -19.06
CA LYS A 71 3.68 -3.82 -18.00
C LYS A 71 4.22 -3.24 -16.70
N ALA A 72 5.13 -2.27 -16.81
CA ALA A 72 5.66 -1.63 -15.62
C ALA A 72 4.66 -0.65 -15.01
N ALA A 73 3.86 0.00 -15.86
CA ALA A 73 2.94 1.02 -15.38
C ALA A 73 1.78 0.43 -14.59
N GLU A 74 1.16 -0.64 -15.09
CA GLU A 74 0.04 -1.24 -14.39
C GLU A 74 0.47 -2.27 -13.34
N LEU A 75 1.76 -2.55 -13.23
CA LEU A 75 2.24 -3.34 -12.10
C LEU A 75 2.14 -2.56 -10.80
N MET A 76 2.22 -1.22 -10.88
CA MET A 76 2.06 -0.34 -9.74
C MET A 76 0.61 0.07 -9.52
N HIS A 77 -0.33 -0.62 -10.17
CA HIS A 77 -1.77 -0.36 -10.09
C HIS A 77 -2.10 1.09 -10.49
N LEU A 78 -1.44 1.55 -11.54
CA LEU A 78 -1.66 2.90 -12.08
C LEU A 78 -2.16 2.79 -13.51
N PRO A 79 -3.45 3.00 -13.76
CA PRO A 79 -3.97 2.91 -15.13
C PRO A 79 -3.47 4.06 -15.99
N VAL A 80 -3.04 3.72 -17.19
CA VAL A 80 -2.50 4.69 -18.15
C VAL A 80 -3.33 4.62 -19.42
N PHE A 81 -3.86 5.76 -19.83
CA PHE A 81 -4.64 5.86 -21.06
C PHE A 81 -3.91 6.62 -22.17
N ALA A 82 -2.73 7.14 -21.90
CA ALA A 82 -1.93 7.85 -22.91
C ALA A 82 -0.89 6.93 -23.53
N ILE A 83 -1.37 5.90 -24.21
CA ILE A 83 -0.51 4.95 -24.90
C ILE A 83 -0.12 5.53 -26.25
N PRO A 84 1.17 5.71 -26.54
CA PRO A 84 1.56 6.31 -27.81
C PRO A 84 1.47 5.32 -28.97
N THR A 85 1.17 5.86 -30.15
CA THR A 85 1.13 5.11 -31.39
C THR A 85 2.11 5.74 -32.39
N LYS A 86 2.07 5.26 -33.63
CA LYS A 86 2.93 5.79 -34.68
C LYS A 86 2.50 7.16 -35.17
N ASP A 87 1.30 7.63 -34.81
CA ASP A 87 0.79 8.94 -35.20
C ASP A 87 0.92 9.95 -34.06
N SER A 88 1.62 9.58 -33.00
CA SER A 88 1.70 10.42 -31.80
C SER A 88 2.52 11.68 -32.06
N GLY A 89 2.10 12.78 -31.45
CA GLY A 89 2.77 14.05 -31.62
C GLY A 89 2.48 14.69 -32.94
N ALA A 90 1.21 14.97 -33.21
CA ALA A 90 0.80 15.38 -34.56
C ALA A 90 0.76 16.90 -34.72
N LYS A 91 -0.17 17.57 -34.04
CA LYS A 91 -0.20 19.03 -34.01
C LYS A 91 -0.08 19.57 -32.59
N GLY A 92 -1.00 19.20 -31.71
CA GLY A 92 -0.85 19.42 -30.29
C GLY A 92 -1.22 18.14 -29.58
N SER A 93 -0.26 17.53 -28.90
CA SER A 93 -0.47 16.21 -28.34
C SER A 93 -0.10 16.18 -26.87
N VAL A 94 -0.29 15.02 -26.26
CA VAL A 94 0.04 14.84 -24.85
C VAL A 94 1.49 14.38 -24.69
N PHE A 95 2.23 14.27 -25.78
CA PHE A 95 3.59 13.74 -25.77
C PHE A 95 4.63 14.78 -26.16
N LEU A 96 4.20 15.95 -26.64
CA LEU A 96 5.13 16.97 -27.07
C LEU A 96 5.61 17.78 -25.86
N SER A 97 6.64 18.58 -26.09
CA SER A 97 7.21 19.45 -25.07
C SER A 97 6.96 20.91 -25.43
N CYS B 1 7.39 21.80 -24.52
CA CYS B 1 7.22 23.23 -24.75
C CYS B 1 8.11 23.75 -25.86
N ARG B 2 9.31 23.20 -26.03
CA ARG B 2 10.26 23.68 -27.03
C ARG B 2 10.21 22.89 -28.33
N GLN B 3 9.37 21.86 -28.42
CA GLN B 3 9.31 21.05 -29.63
C GLN B 3 8.48 21.74 -30.70
N LYS B 4 8.33 21.08 -31.84
CA LYS B 4 7.58 21.64 -32.96
C LYS B 4 6.08 21.43 -32.73
N GLY B 5 5.28 21.70 -33.75
CA GLY B 5 3.85 21.56 -33.64
C GLY B 5 3.21 22.67 -32.83
N ALA B 6 2.64 22.31 -31.69
CA ALA B 6 1.93 23.28 -30.86
C ALA B 6 1.95 22.77 -29.42
N GLY B 7 1.13 23.36 -28.57
CA GLY B 7 1.05 23.01 -27.17
C GLY B 7 1.55 24.06 -26.20
N SER B 8 2.04 25.20 -26.69
CA SER B 8 2.56 26.28 -25.85
C SER B 8 1.46 27.29 -25.59
N ALA B 9 1.41 27.81 -24.36
CA ALA B 9 0.38 28.75 -23.97
C ALA B 9 0.85 30.20 -24.13
N GLY B 10 1.93 30.57 -23.47
CA GLY B 10 2.41 31.94 -23.52
C GLY B 10 3.88 32.07 -23.15
N THR B 11 4.59 32.95 -23.83
CA THR B 11 6.02 33.15 -23.62
C THR B 11 6.33 34.62 -23.40
N GLY B 12 7.61 34.94 -23.24
CA GLY B 12 8.06 36.32 -23.14
C GLY B 12 8.11 36.88 -21.73
N SER B 13 8.76 36.15 -20.82
CA SER B 13 8.92 36.51 -19.41
C SER B 13 7.57 36.79 -18.77
N GLU B 14 6.63 35.90 -19.05
CA GLU B 14 5.26 36.07 -18.62
C GLU B 14 5.14 35.91 -17.11
N THR B 15 4.31 36.76 -16.49
CA THR B 15 4.26 36.89 -15.04
C THR B 15 3.68 35.65 -14.38
N ASN B 16 3.83 35.60 -13.05
CA ASN B 16 3.52 34.40 -12.30
C ASN B 16 2.01 34.19 -12.17
N SER B 17 1.26 35.28 -11.96
CA SER B 17 -0.19 35.19 -11.86
C SER B 17 -0.80 34.76 -13.19
N GLN B 18 -0.24 35.25 -14.30
CA GLN B 18 -0.69 34.79 -15.61
C GLN B 18 -0.24 33.36 -15.91
N GLU B 19 0.79 32.86 -15.20
CA GLU B 19 1.34 31.55 -15.52
C GLU B 19 0.38 30.44 -15.10
N VAL B 20 -0.34 30.64 -13.99
CA VAL B 20 -1.33 29.66 -13.54
C VAL B 20 -2.49 29.59 -14.54
N ARG B 21 -2.91 30.74 -15.07
CA ARG B 21 -3.99 30.77 -16.03
C ARG B 21 -3.56 30.16 -17.37
N SER B 22 -2.30 30.36 -17.75
CA SER B 22 -1.83 29.85 -19.02
C SER B 22 -1.58 28.35 -18.97
N GLN B 23 -1.01 27.85 -17.87
CA GLN B 23 -0.62 26.45 -17.80
C GLN B 23 -1.81 25.51 -17.72
N MET B 24 -2.98 26.00 -17.32
CA MET B 24 -4.20 25.19 -17.36
C MET B 24 -4.82 25.12 -18.74
N ARG B 25 -4.28 25.87 -19.71
CA ARG B 25 -4.79 25.88 -21.07
C ARG B 25 -3.95 25.07 -22.04
N SER B 26 -2.73 24.69 -21.66
CA SER B 26 -1.84 23.92 -22.52
C SER B 26 -1.96 22.43 -22.22
N THR B 27 -1.45 21.62 -23.16
CA THR B 27 -1.53 20.18 -23.05
C THR B 27 -0.19 19.46 -23.20
N CYS B 28 0.91 20.17 -23.39
CA CYS B 28 2.19 19.54 -23.66
C CYS B 28 2.96 19.31 -22.37
N LEU B 29 3.95 18.42 -22.44
CA LEU B 29 4.81 18.17 -21.31
C LEU B 29 5.76 19.34 -21.10
N ILE B 30 6.23 19.50 -19.86
CA ILE B 30 7.02 20.66 -19.46
C ILE B 30 8.41 20.25 -18.98
N ILE B 31 8.87 19.06 -19.32
CA ILE B 31 10.25 18.63 -19.06
C ILE B 31 10.90 18.38 -20.42
N PRO B 32 12.09 18.93 -20.67
CA PRO B 32 12.73 18.77 -21.98
C PRO B 32 13.06 17.31 -22.29
N LYS B 33 12.97 16.96 -23.57
CA LYS B 33 13.12 15.57 -23.98
C LYS B 33 14.57 15.10 -23.86
N GLU B 34 15.52 15.95 -24.26
CA GLU B 34 16.92 15.57 -24.24
C GLU B 34 17.43 15.36 -22.82
N ARG B 35 17.01 16.24 -21.90
CA ARG B 35 17.38 16.08 -20.49
C ARG B 35 16.68 14.88 -19.86
N PHE B 36 15.49 14.54 -20.35
CA PHE B 36 14.79 13.36 -19.81
C PHE B 36 15.39 12.08 -20.36
N ARG B 37 15.86 12.09 -21.62
CA ARG B 37 16.51 10.92 -22.18
C ARG B 37 17.85 10.66 -21.51
N THR B 38 18.60 11.74 -21.22
CA THR B 38 19.85 11.60 -20.48
C THR B 38 19.59 11.09 -19.08
N MET B 39 18.51 11.56 -18.45
CA MET B 39 18.14 11.07 -17.13
C MET B 39 17.73 9.60 -17.17
N ALA B 40 16.94 9.21 -18.18
CA ALA B 40 16.41 7.85 -18.22
C ALA B 40 17.50 6.83 -18.49
N LYS B 41 18.48 7.18 -19.32
CA LYS B 41 19.57 6.26 -19.60
C LYS B 41 20.55 6.19 -18.44
N GLU B 42 20.59 7.24 -17.60
CA GLU B 42 21.52 7.26 -16.48
C GLU B 42 21.06 6.34 -15.36
N ILE B 43 19.74 6.24 -15.14
CA ILE B 43 19.22 5.31 -14.14
C ILE B 43 19.46 3.86 -14.57
N SER B 44 19.27 3.59 -15.86
CA SER B 44 19.51 2.23 -16.37
C SER B 44 21.00 1.87 -16.32
N LYS B 45 21.88 2.85 -16.56
CA LYS B 45 23.31 2.57 -16.59
C LYS B 45 23.85 2.17 -15.22
N LYS B 46 23.21 2.62 -14.15
CA LYS B 46 23.64 2.22 -12.81
C LYS B 46 23.35 0.75 -12.54
N GLU B 47 22.35 0.18 -13.20
CA GLU B 47 21.94 -1.20 -12.97
C GLU B 47 22.27 -2.13 -14.14
N GLY B 48 22.07 -1.69 -15.38
CA GLY B 48 22.42 -2.51 -16.52
C GLY B 48 22.98 -1.71 -17.67
N HIS B 49 24.20 -2.06 -18.09
CA HIS B 49 24.90 -1.28 -19.11
C HIS B 49 24.34 -1.57 -20.49
N ASP B 50 24.47 -0.57 -21.38
CA ASP B 50 24.13 -0.65 -22.80
C ASP B 50 22.65 -1.02 -22.99
N VAL B 51 21.79 -0.11 -22.54
CA VAL B 51 20.35 -0.24 -22.68
C VAL B 51 19.85 0.85 -23.61
N HIS B 52 19.19 0.45 -24.69
CA HIS B 52 18.55 1.37 -25.61
C HIS B 52 17.12 1.67 -25.16
N ILE B 53 16.70 2.91 -25.34
CA ILE B 53 15.36 3.35 -24.96
C ILE B 53 14.60 3.74 -26.21
N ALA B 54 13.42 3.16 -26.37
CA ALA B 54 12.58 3.46 -27.52
C ALA B 54 12.00 4.87 -27.42
N GLU B 55 11.74 5.46 -28.58
CA GLU B 55 11.16 6.80 -28.62
C GLU B 55 9.73 6.80 -28.11
N ALA B 56 8.99 5.72 -28.39
CA ALA B 56 7.62 5.61 -27.89
C ALA B 56 7.61 5.36 -26.39
N ALA B 57 8.62 4.66 -25.87
CA ALA B 57 8.70 4.40 -24.44
C ALA B 57 9.09 5.67 -23.68
N LEU B 58 9.86 6.55 -24.33
CA LEU B 58 10.28 7.79 -23.68
C LEU B 58 9.10 8.73 -23.45
N ASP B 59 8.18 8.80 -24.41
CA ASP B 59 7.04 9.70 -24.27
C ASP B 59 6.11 9.25 -23.15
N MET B 60 5.87 7.95 -23.03
CA MET B 60 4.91 7.46 -22.07
C MET B 60 5.51 7.39 -20.67
N LEU B 61 6.84 7.26 -20.58
CA LEU B 61 7.52 7.41 -19.30
C LEU B 61 7.38 8.82 -18.76
N GLN B 62 7.49 9.83 -19.64
CA GLN B 62 7.43 11.22 -19.20
C GLN B 62 6.02 11.63 -18.81
N VAL B 63 5.01 11.05 -19.46
CA VAL B 63 3.63 11.41 -19.17
C VAL B 63 3.23 10.90 -17.78
N ILE B 64 3.69 9.70 -17.42
CA ILE B 64 3.40 9.13 -16.11
C ILE B 64 4.08 9.95 -15.01
N VAL B 65 5.30 10.41 -15.28
CA VAL B 65 6.09 11.11 -14.26
C VAL B 65 5.46 12.45 -13.90
N GLU B 66 5.10 13.25 -14.91
CA GLU B 66 4.52 14.56 -14.62
C GLU B 66 3.13 14.43 -14.00
N SER B 67 2.34 13.44 -14.42
CA SER B 67 1.01 13.27 -13.87
C SER B 67 1.07 12.85 -12.40
N CYS B 68 2.12 12.13 -12.01
CA CYS B 68 2.31 11.82 -10.60
C CYS B 68 2.93 13.01 -9.86
N THR B 69 3.77 13.79 -10.55
CA THR B 69 4.41 14.93 -9.90
C THR B 69 3.42 16.08 -9.68
N VAL B 70 2.57 16.35 -10.67
CA VAL B 70 1.57 17.40 -10.52
C VAL B 70 0.54 17.01 -9.47
N ARG B 71 0.18 15.72 -9.41
CA ARG B 71 -0.77 15.23 -8.41
C ARG B 71 -0.22 15.38 -7.00
N LEU B 72 1.09 15.21 -6.82
CA LEU B 72 1.71 15.45 -5.53
C LEU B 72 1.70 16.93 -5.18
N LEU B 73 1.96 17.79 -6.16
CA LEU B 73 2.04 19.23 -5.89
C LEU B 73 0.65 19.82 -5.65
N GLU B 74 -0.39 19.23 -6.26
CA GLU B 74 -1.75 19.65 -5.93
C GLU B 74 -2.11 19.28 -4.49
N LYS B 75 -1.66 18.11 -4.04
CA LYS B 75 -1.89 17.71 -2.65
C LYS B 75 -1.06 18.55 -1.70
N ALA B 76 0.11 19.02 -2.15
CA ALA B 76 0.94 19.87 -1.29
C ALA B 76 0.33 21.26 -1.16
N LEU B 77 -0.43 21.70 -2.16
CA LEU B 77 -1.05 23.02 -2.10
C LEU B 77 -2.21 23.03 -1.11
N VAL B 78 -2.87 21.88 -0.94
CA VAL B 78 -4.01 21.79 -0.03
C VAL B 78 -3.56 21.96 1.42
N ILE B 79 -2.44 21.32 1.78
CA ILE B 79 -1.91 21.45 3.14
C ILE B 79 -1.43 22.87 3.40
N THR B 80 -0.87 23.51 2.37
CA THR B 80 -0.44 24.90 2.51
C THR B 80 -1.63 25.82 2.77
N TYR B 81 -2.73 25.64 2.04
CA TYR B 81 -3.93 26.43 2.31
C TYR B 81 -4.61 26.01 3.60
N SER B 82 -4.38 24.77 4.05
CA SER B 82 -4.95 24.34 5.32
C SER B 82 -4.26 24.99 6.51
N GLY B 83 -3.03 25.44 6.33
CA GLY B 83 -2.31 26.13 7.39
C GLY B 83 -2.43 27.63 7.30
N LYS B 84 -3.43 28.11 6.55
CA LYS B 84 -3.69 29.53 6.31
C LYS B 84 -2.46 30.23 5.72
N ARG B 85 -1.80 29.58 4.76
CA ARG B 85 -0.64 30.13 4.09
C ARG B 85 -0.83 30.02 2.58
N THR B 86 -0.19 30.93 1.86
CA THR B 86 -0.30 30.98 0.41
C THR B 86 0.98 30.58 -0.31
N ARG B 87 2.06 30.32 0.42
CA ARG B 87 3.36 30.00 -0.17
C ARG B 87 3.69 28.55 0.12
N VAL B 88 3.90 27.76 -0.94
CA VAL B 88 4.26 26.36 -0.78
C VAL B 88 5.71 26.27 -0.32
N THR B 89 5.94 25.62 0.82
CA THR B 89 7.26 25.50 1.40
C THR B 89 7.78 24.08 1.21
N SER B 90 8.99 23.84 1.70
CA SER B 90 9.60 22.53 1.58
C SER B 90 8.91 21.51 2.48
N LYS B 91 8.42 21.95 3.65
CA LYS B 91 7.81 21.03 4.59
C LYS B 91 6.43 20.58 4.13
N ASP B 92 5.76 21.41 3.32
CA ASP B 92 4.43 21.06 2.84
C ASP B 92 4.47 19.90 1.84
N ILE B 93 5.49 19.89 0.98
CA ILE B 93 5.62 18.79 0.02
C ILE B 93 6.03 17.51 0.74
N GLU B 94 6.91 17.62 1.73
CA GLU B 94 7.31 16.46 2.51
C GLU B 94 6.15 15.88 3.29
N THR B 95 5.29 16.75 3.84
CA THR B 95 4.10 16.29 4.53
C THR B 95 3.11 15.63 3.57
N ALA B 96 2.97 16.20 2.37
CA ALA B 96 2.05 15.64 1.38
C ALA B 96 2.48 14.26 0.91
N PHE B 97 3.79 14.06 0.74
CA PHE B 97 4.27 12.73 0.36
C PHE B 97 4.16 11.75 1.52
N MET B 98 4.38 12.21 2.74
CA MET B 98 4.30 11.35 3.92
C MET B 98 2.87 10.87 4.19
N LEU B 99 1.88 11.65 3.80
CA LEU B 99 0.48 11.33 4.09
C LEU B 99 -0.04 10.15 3.27
N GLU B 100 0.62 9.79 2.17
CA GLU B 100 0.20 8.65 1.36
C GLU B 100 1.15 7.47 1.39
N HIS B 101 2.43 7.66 1.73
CA HIS B 101 3.42 6.59 1.80
C HIS B 101 4.15 6.73 3.14
N GLY B 102 3.60 6.12 4.18
CA GLY B 102 4.21 6.18 5.49
C GLY B 102 3.22 6.01 6.64
N ASN C 16 -3.11 -23.10 3.65
CA ASN C 16 -2.50 -22.44 4.79
C ASN C 16 -1.10 -22.98 5.08
N PHE C 17 -0.31 -22.20 5.82
CA PHE C 17 1.06 -22.54 6.16
C PHE C 17 1.30 -22.60 7.66
N ARG C 18 0.38 -23.23 8.41
CA ARG C 18 0.48 -23.22 9.86
C ARG C 18 1.65 -24.05 10.36
N LEU C 19 1.79 -25.28 9.83
CA LEU C 19 2.84 -26.17 10.34
C LEU C 19 4.22 -25.74 9.86
N GLY C 20 4.31 -25.21 8.64
CA GLY C 20 5.59 -24.76 8.12
C GLY C 20 6.14 -23.57 8.86
N LEU C 21 5.27 -22.62 9.24
CA LEU C 21 5.73 -21.42 9.94
C LEU C 21 6.05 -21.73 11.40
N ARG C 22 5.38 -22.72 11.98
CA ARG C 22 5.70 -23.12 13.36
C ARG C 22 7.06 -23.79 13.43
N ASN C 23 7.41 -24.58 12.42
CA ASN C 23 8.70 -25.28 12.42
C ASN C 23 9.85 -24.30 12.22
N MET C 24 9.60 -23.19 11.51
CA MET C 24 10.62 -22.16 11.36
C MET C 24 10.94 -21.49 12.68
N LEU C 25 9.92 -21.25 13.50
CA LEU C 25 10.14 -20.58 14.79
C LEU C 25 10.97 -21.45 15.73
N ALA C 26 10.83 -22.77 15.62
CA ALA C 26 11.64 -23.67 16.44
C ALA C 26 13.10 -23.63 16.00
N GLN C 27 13.35 -23.44 14.71
CA GLN C 27 14.73 -23.40 14.22
C GLN C 27 15.41 -22.09 14.62
N ILE C 28 14.68 -20.97 14.58
CA ILE C 28 15.28 -19.67 14.88
C ILE C 28 15.37 -19.45 16.39
N HIS C 29 14.23 -19.46 17.06
CA HIS C 29 14.18 -19.24 18.51
C HIS C 29 13.64 -20.50 19.20
N PRO C 30 14.51 -21.36 19.72
CA PRO C 30 14.03 -22.64 20.28
C PRO C 30 13.18 -22.51 21.52
N ASP C 31 13.25 -21.38 22.23
CA ASP C 31 12.54 -21.20 23.50
C ASP C 31 11.36 -20.22 23.37
N ILE C 32 10.86 -20.02 22.16
CA ILE C 32 9.79 -19.06 21.91
C ILE C 32 8.63 -19.79 21.22
N SER C 33 7.43 -19.67 21.80
CA SER C 33 6.22 -20.23 21.21
C SER C 33 5.45 -19.12 20.49
N VAL C 34 4.28 -19.47 19.97
CA VAL C 34 3.47 -18.55 19.19
C VAL C 34 2.00 -18.73 19.57
N GLN C 35 1.29 -17.61 19.68
CA GLN C 35 -0.16 -17.63 19.86
C GLN C 35 -0.83 -18.29 18.65
N THR C 36 -1.95 -18.98 18.91
CA THR C 36 -2.71 -19.59 17.84
C THR C 36 -3.31 -18.54 16.91
N GLU C 37 -3.75 -17.42 17.48
CA GLU C 37 -4.25 -16.31 16.68
C GLU C 37 -3.12 -15.66 15.89
N ALA C 38 -1.92 -15.60 16.48
CA ALA C 38 -0.78 -15.04 15.79
C ALA C 38 -0.33 -15.95 14.64
N LEU C 39 -0.50 -17.26 14.80
CA LEU C 39 -0.13 -18.20 13.74
C LEU C 39 -1.05 -18.07 12.53
N SER C 40 -2.34 -17.79 12.78
CA SER C 40 -3.26 -17.63 11.67
C SER C 40 -2.99 -16.34 10.90
N GLU C 41 -2.57 -15.28 11.60
CA GLU C 41 -2.22 -14.04 10.91
C GLU C 41 -0.95 -14.20 10.09
N LEU C 42 0.03 -14.94 10.62
CA LEU C 42 1.27 -15.17 9.88
C LEU C 42 1.02 -16.05 8.66
N SER C 43 0.08 -16.99 8.76
CA SER C 43 -0.28 -17.81 7.61
C SER C 43 -0.96 -16.97 6.53
N ASN C 44 -1.78 -16.01 6.94
CA ASN C 44 -2.46 -15.15 5.96
C ASN C 44 -1.50 -14.16 5.32
N ILE C 45 -0.39 -13.86 6.00
CA ILE C 45 0.69 -13.10 5.37
C ILE C 45 1.32 -13.93 4.27
N ALA C 46 1.51 -15.23 4.53
CA ALA C 46 2.17 -16.11 3.56
C ALA C 46 1.32 -16.31 2.31
N VAL C 47 0.00 -16.42 2.48
CA VAL C 47 -0.89 -16.56 1.34
C VAL C 47 -0.89 -15.28 0.50
N PHE C 48 -0.96 -14.12 1.17
CA PHE C 48 -1.02 -12.85 0.46
C PHE C 48 0.34 -12.47 -0.11
N LEU C 49 1.43 -12.94 0.49
CA LEU C 49 2.74 -12.76 -0.14
C LEU C 49 2.86 -13.65 -1.38
N GLY C 50 2.27 -14.84 -1.33
CA GLY C 50 2.25 -15.69 -2.51
C GLY C 50 1.40 -15.12 -3.63
N LYS C 51 0.32 -14.43 -3.27
CA LYS C 51 -0.56 -13.86 -4.28
C LYS C 51 0.09 -12.68 -4.99
N LYS C 52 0.82 -11.85 -4.25
CA LYS C 52 1.41 -10.66 -4.83
C LYS C 52 2.59 -11.00 -5.74
N ILE C 53 3.38 -12.01 -5.35
CA ILE C 53 4.51 -12.43 -6.19
C ILE C 53 4.02 -13.12 -7.45
N SER C 54 3.02 -14.00 -7.30
CA SER C 54 2.49 -14.72 -8.46
C SER C 54 1.81 -13.78 -9.44
N HIS C 55 1.07 -12.78 -8.93
CA HIS C 55 0.45 -11.80 -9.82
C HIS C 55 1.50 -10.91 -10.45
N GLY C 56 2.58 -10.63 -9.72
CA GLY C 56 3.70 -9.90 -10.32
C GLY C 56 4.41 -10.70 -11.40
N ALA C 57 4.49 -12.02 -11.21
CA ALA C 57 5.16 -12.87 -12.20
C ALA C 57 4.33 -13.01 -13.47
N VAL C 58 3.00 -13.02 -13.33
CA VAL C 58 2.13 -13.10 -14.49
C VAL C 58 2.21 -11.81 -15.30
N THR C 59 2.26 -10.67 -14.61
CA THR C 59 2.36 -9.38 -15.27
C THR C 59 3.67 -9.24 -16.06
N LEU C 60 4.78 -9.65 -15.46
CA LEU C 60 6.09 -9.47 -16.08
C LEU C 60 6.35 -10.41 -17.25
N LEU C 61 5.50 -11.42 -17.45
CA LEU C 61 5.67 -12.33 -18.57
C LEU C 61 5.36 -11.62 -19.89
N PRO C 62 6.05 -11.95 -20.97
CA PRO C 62 5.66 -11.42 -22.28
C PRO C 62 4.35 -12.05 -22.76
N GLU C 63 3.74 -11.42 -23.76
CA GLU C 63 2.48 -11.93 -24.30
C GLU C 63 2.69 -13.25 -25.04
N GLY C 64 3.86 -13.44 -25.64
CA GLY C 64 4.13 -14.67 -26.37
C GLY C 64 4.21 -15.88 -25.46
N THR C 65 4.91 -15.76 -24.33
CA THR C 65 5.09 -16.89 -23.44
C THR C 65 3.83 -17.11 -22.60
N LYS C 66 3.62 -18.37 -22.20
CA LYS C 66 2.44 -18.74 -21.43
C LYS C 66 2.74 -19.45 -20.11
N THR C 67 3.97 -19.91 -19.89
CA THR C 67 4.32 -20.61 -18.66
C THR C 67 5.22 -19.73 -17.79
N ILE C 68 5.26 -20.06 -16.50
CA ILE C 68 6.07 -19.34 -15.51
C ILE C 68 7.25 -20.22 -15.16
N LYS C 69 8.45 -19.76 -15.44
CA LYS C 69 9.67 -20.45 -15.08
C LYS C 69 10.21 -19.90 -13.76
N SER C 70 11.39 -20.37 -13.36
CA SER C 70 12.01 -19.87 -12.14
C SER C 70 12.48 -18.44 -12.30
N SER C 71 12.84 -18.03 -13.52
CA SER C 71 13.32 -16.67 -13.75
C SER C 71 12.21 -15.65 -13.61
N ALA C 72 10.96 -16.07 -13.82
CA ALA C 72 9.83 -15.16 -13.66
C ALA C 72 9.60 -14.83 -12.19
N VAL C 73 9.71 -15.83 -11.31
CA VAL C 73 9.50 -15.60 -9.88
C VAL C 73 10.68 -14.84 -9.29
N LEU C 74 11.89 -15.07 -9.82
CA LEU C 74 13.07 -14.37 -9.32
C LEU C 74 12.99 -12.87 -9.57
N LEU C 75 12.56 -12.48 -10.78
CA LEU C 75 12.47 -11.06 -11.10
C LEU C 75 11.25 -10.42 -10.44
N ALA C 76 10.21 -11.21 -10.19
CA ALA C 76 9.03 -10.67 -9.51
C ALA C 76 9.33 -10.36 -8.05
N ALA C 77 10.18 -11.16 -7.42
CA ALA C 77 10.57 -10.89 -6.04
C ALA C 77 11.47 -9.67 -5.93
N GLY C 78 12.27 -9.40 -6.97
CA GLY C 78 13.11 -8.22 -6.97
C GLY C 78 12.32 -6.93 -7.06
N ASP C 79 11.21 -6.95 -7.79
CA ASP C 79 10.40 -5.74 -7.94
C ASP C 79 9.62 -5.42 -6.67
N LEU C 80 9.03 -6.43 -6.04
CA LEU C 80 8.20 -6.18 -4.86
C LEU C 80 9.04 -5.82 -3.65
N TYR C 81 10.25 -6.37 -3.56
CA TYR C 81 11.11 -6.21 -2.40
C TYR C 81 12.22 -5.23 -2.73
N GLY C 82 12.29 -4.14 -1.97
CA GLY C 82 13.17 -3.05 -2.33
C GLY C 82 14.54 -3.10 -1.67
N LYS C 83 15.53 -2.62 -2.43
CA LYS C 83 16.91 -2.42 -1.98
C LYS C 83 17.56 -3.68 -1.42
N ASP C 84 17.87 -3.65 -0.12
CA ASP C 84 18.67 -4.72 0.49
C ASP C 84 17.89 -6.02 0.57
N LEU C 85 16.57 -5.96 0.75
CA LEU C 85 15.79 -7.18 0.80
C LEU C 85 15.71 -7.86 -0.57
N GLY C 86 15.63 -7.07 -1.64
CA GLY C 86 15.53 -7.64 -2.97
C GLY C 86 16.80 -8.34 -3.40
N ARG C 87 17.97 -7.79 -3.06
CA ARG C 87 19.24 -8.40 -3.42
C ARG C 87 19.45 -9.71 -2.65
N HIS C 88 19.09 -9.73 -1.38
CA HIS C 88 19.23 -10.94 -0.58
C HIS C 88 18.18 -11.98 -0.96
N ALA C 89 17.06 -11.54 -1.55
CA ALA C 89 16.05 -12.48 -2.00
C ALA C 89 16.55 -13.35 -3.14
N VAL C 90 17.22 -12.74 -4.12
CA VAL C 90 17.68 -13.47 -5.31
C VAL C 90 18.75 -14.48 -4.93
N GLY C 91 19.60 -14.14 -3.95
CA GLY C 91 20.62 -15.07 -3.52
C GLY C 91 20.06 -16.30 -2.84
N GLU C 92 19.00 -16.12 -2.05
CA GLU C 92 18.38 -17.26 -1.37
C GLU C 92 17.56 -18.10 -2.34
N MET C 93 16.83 -17.46 -3.25
CA MET C 93 16.01 -18.18 -4.22
C MET C 93 16.87 -18.99 -5.19
N THR C 94 17.98 -18.42 -5.65
CA THR C 94 18.84 -19.13 -6.59
C THR C 94 19.52 -20.31 -5.91
N LYS C 95 19.93 -20.15 -4.65
CA LYS C 95 20.57 -21.24 -3.93
C LYS C 95 19.58 -22.38 -3.65
N ALA C 96 18.30 -22.05 -3.50
CA ALA C 96 17.30 -23.09 -3.30
C ALA C 96 17.02 -23.85 -4.59
N VAL C 97 17.04 -23.17 -5.73
CA VAL C 97 16.79 -23.82 -7.01
C VAL C 97 17.95 -24.73 -7.38
N THR C 98 19.19 -24.24 -7.19
CA THR C 98 20.37 -25.04 -7.56
C THR C 98 20.50 -26.27 -6.66
N ARG C 99 20.10 -26.15 -5.39
CA ARG C 99 20.07 -27.32 -4.52
C ARG C 99 19.01 -28.32 -4.97
N TYR C 100 17.85 -27.82 -5.42
CA TYR C 100 16.80 -28.70 -5.91
C TYR C 100 17.18 -29.29 -7.27
N GLY C 101 17.94 -28.55 -8.07
CA GLY C 101 18.33 -29.03 -9.38
C GLY C 101 19.40 -30.10 -9.37
N SER C 102 20.07 -30.31 -8.23
CA SER C 102 21.07 -31.35 -8.11
C SER C 102 20.58 -32.57 -7.33
N ALA C 103 19.46 -32.44 -6.62
CA ALA C 103 18.88 -33.54 -5.85
C ALA C 103 17.52 -33.96 -6.38
N LYS C 104 17.34 -33.91 -7.70
CA LYS C 104 16.08 -34.34 -8.31
C LYS C 104 15.89 -35.85 -8.14
N GLU D 1 16.95 -36.63 -8.37
CA GLU D 1 16.88 -38.08 -8.18
C GLU D 1 17.21 -38.36 -6.71
N SER D 2 16.17 -38.16 -5.87
CA SER D 2 16.27 -38.41 -4.44
C SER D 2 14.84 -38.63 -3.94
N LYS D 3 14.48 -39.89 -3.72
CA LYS D 3 13.12 -40.27 -3.36
C LYS D 3 12.89 -40.30 -1.86
N GLU D 4 13.89 -39.94 -1.05
CA GLU D 4 13.79 -39.98 0.40
C GLU D 4 13.40 -38.59 0.92
N GLY D 5 12.13 -38.26 0.74
CA GLY D 5 11.58 -37.02 1.23
C GLY D 5 10.63 -36.40 0.22
N SER D 6 10.13 -35.23 0.59
CA SER D 6 9.19 -34.46 -0.23
C SER D 6 9.93 -33.38 -1.01
N ARG D 7 9.16 -32.53 -1.68
CA ARG D 7 9.73 -31.44 -2.45
C ARG D 7 10.38 -30.41 -1.54
N SER D 8 9.77 -30.16 -0.37
CA SER D 8 10.36 -29.23 0.59
C SER D 8 11.62 -29.80 1.21
N SER D 9 11.65 -31.11 1.43
CA SER D 9 12.83 -31.74 2.01
C SER D 9 13.97 -31.82 1.01
N LYS D 10 13.65 -31.95 -0.28
CA LYS D 10 14.68 -31.96 -1.31
C LYS D 10 15.36 -30.60 -1.44
N ALA D 11 14.57 -29.52 -1.34
CA ALA D 11 15.12 -28.18 -1.42
C ALA D 11 15.54 -27.63 -0.07
N LYS D 12 15.41 -28.41 1.00
CA LYS D 12 15.76 -28.02 2.37
C LYS D 12 15.01 -26.77 2.79
N LEU D 13 13.72 -26.70 2.46
CA LEU D 13 12.86 -25.58 2.80
C LEU D 13 11.79 -26.03 3.78
N GLN D 14 11.48 -25.14 4.73
CA GLN D 14 10.43 -25.45 5.69
C GLN D 14 9.05 -25.12 5.14
N ILE D 15 8.95 -24.17 4.21
CA ILE D 15 7.70 -23.91 3.53
C ILE D 15 7.46 -25.00 2.50
N SER D 16 6.26 -25.58 2.53
CA SER D 16 5.94 -26.69 1.64
C SER D 16 5.83 -26.20 0.19
N VAL D 17 6.57 -26.86 -0.70
CA VAL D 17 6.56 -26.49 -2.11
C VAL D 17 5.22 -26.81 -2.75
N ALA D 18 4.58 -27.90 -2.31
CA ALA D 18 3.32 -28.32 -2.91
C ALA D 18 2.20 -27.32 -2.65
N ARG D 19 2.17 -26.73 -1.45
CA ARG D 19 1.15 -25.73 -1.17
C ARG D 19 1.45 -24.42 -1.88
N SER D 20 2.73 -24.08 -2.05
CA SER D 20 3.07 -22.86 -2.78
C SER D 20 2.79 -23.01 -4.27
N GLU D 21 2.94 -24.23 -4.81
CA GLU D 21 2.60 -24.47 -6.19
C GLU D 21 1.09 -24.39 -6.41
N ARG D 22 0.31 -24.83 -5.41
CA ARG D 22 -1.14 -24.75 -5.51
C ARG D 22 -1.62 -23.29 -5.54
N LEU D 23 -0.96 -22.42 -4.78
CA LEU D 23 -1.28 -20.99 -4.84
C LEU D 23 -0.93 -20.41 -6.20
N LEU D 24 0.21 -20.81 -6.77
CA LEU D 24 0.65 -20.25 -8.05
C LEU D 24 -0.18 -20.79 -9.21
N ARG D 25 -0.44 -22.10 -9.22
CA ARG D 25 -1.13 -22.70 -10.36
C ARG D 25 -2.62 -22.36 -10.36
N GLU D 26 -3.26 -22.45 -9.19
CA GLU D 26 -4.70 -22.21 -9.10
C GLU D 26 -5.05 -20.76 -8.84
N HIS D 27 -4.15 -19.83 -9.17
CA HIS D 27 -4.45 -18.40 -9.05
C HIS D 27 -5.22 -17.87 -10.25
N GLY D 28 -5.43 -18.68 -11.28
CA GLY D 28 -6.04 -18.21 -12.51
C GLY D 28 -5.19 -17.24 -13.28
N GLY D 29 -3.87 -17.45 -13.30
CA GLY D 29 -2.97 -16.56 -14.01
C GLY D 29 -2.48 -17.12 -15.33
N CYS D 30 -2.11 -18.41 -15.34
CA CYS D 30 -1.55 -19.03 -16.52
C CYS D 30 -1.92 -20.51 -16.55
N SER D 31 -1.83 -21.09 -17.74
CA SER D 31 -2.19 -22.50 -17.91
C SER D 31 -1.12 -23.44 -17.37
N ARG D 32 0.15 -23.12 -17.60
CA ARG D 32 1.25 -24.03 -17.29
C ARG D 32 2.18 -23.41 -16.25
N VAL D 33 2.56 -24.20 -15.26
CA VAL D 33 3.48 -23.78 -14.21
C VAL D 33 4.62 -24.79 -14.15
N SER D 34 5.86 -24.29 -14.24
CA SER D 34 7.01 -25.16 -14.26
C SER D 34 7.36 -25.63 -12.84
N GLU D 35 8.29 -26.59 -12.77
CA GLU D 35 8.72 -27.12 -11.48
C GLU D 35 9.59 -26.13 -10.73
N GLY D 36 10.45 -25.39 -11.46
CA GLY D 36 11.35 -24.45 -10.82
C GLY D 36 10.67 -23.22 -10.25
N ALA D 37 9.50 -22.86 -10.78
CA ALA D 37 8.77 -21.72 -10.24
C ALA D 37 8.13 -22.06 -8.89
N ALA D 38 7.80 -23.34 -8.68
CA ALA D 38 7.22 -23.75 -7.41
C ALA D 38 8.24 -23.70 -6.28
N VAL D 39 9.47 -24.13 -6.55
CA VAL D 39 10.52 -24.10 -5.54
C VAL D 39 10.93 -22.67 -5.24
N ALA D 40 11.01 -21.84 -6.28
CA ALA D 40 11.44 -20.45 -6.09
C ALA D 40 10.42 -19.65 -5.29
N LEU D 41 9.13 -19.88 -5.52
CA LEU D 41 8.10 -19.16 -4.78
C LEU D 41 8.10 -19.55 -3.31
N ALA D 42 8.36 -20.82 -3.01
CA ALA D 42 8.40 -21.27 -1.62
C ALA D 42 9.59 -20.67 -0.89
N ALA D 43 10.72 -20.50 -1.58
CA ALA D 43 11.91 -19.95 -0.95
C ALA D 43 11.74 -18.46 -0.66
N ALA D 44 11.02 -17.74 -1.53
CA ALA D 44 10.81 -16.32 -1.33
C ALA D 44 9.92 -16.05 -0.12
N ILE D 45 8.89 -16.90 0.07
CA ILE D 45 8.05 -16.79 1.25
C ILE D 45 8.83 -17.18 2.50
N GLU D 46 9.69 -18.20 2.38
CA GLU D 46 10.38 -18.73 3.55
C GLU D 46 11.40 -17.74 4.11
N TYR D 47 12.13 -17.04 3.23
CA TYR D 47 13.20 -16.17 3.71
C TYR D 47 12.66 -14.98 4.48
N PHE D 48 11.55 -14.41 4.01
CA PHE D 48 11.09 -13.14 4.57
C PHE D 48 10.14 -13.36 5.74
N MET D 49 9.56 -14.55 5.87
CA MET D 49 8.88 -14.88 7.11
C MET D 49 9.85 -15.30 8.19
N GLY D 50 11.05 -15.73 7.80
CA GLY D 50 12.13 -15.86 8.77
C GLY D 50 12.58 -14.50 9.27
N GLU D 51 12.47 -13.48 8.42
CA GLU D 51 12.79 -12.12 8.83
C GLU D 51 11.76 -11.59 9.82
N VAL D 52 10.48 -11.88 9.58
CA VAL D 52 9.42 -11.43 10.48
C VAL D 52 9.49 -12.17 11.80
N LEU D 53 9.72 -13.49 11.76
CA LEU D 53 9.79 -14.27 12.99
C LEU D 53 11.01 -13.92 13.82
N GLU D 54 12.09 -13.49 13.17
CA GLU D 54 13.29 -13.08 13.91
C GLU D 54 13.04 -11.76 14.62
N LEU D 55 12.33 -10.83 13.98
CA LEU D 55 12.05 -9.55 14.61
C LEU D 55 10.96 -9.67 15.66
N ALA D 56 9.97 -10.53 15.43
CA ALA D 56 8.91 -10.73 16.40
C ALA D 56 9.42 -11.45 17.64
N GLY D 57 10.33 -12.41 17.47
CA GLY D 57 10.89 -13.10 18.62
C GLY D 57 11.75 -12.19 19.48
N ASN D 58 12.52 -11.31 18.85
CA ASN D 58 13.32 -10.34 19.60
C ASN D 58 12.43 -9.34 20.32
N ALA D 59 11.32 -8.94 19.68
CA ALA D 59 10.38 -8.03 20.32
C ALA D 59 9.67 -8.70 21.49
N ALA D 60 9.34 -9.98 21.35
CA ALA D 60 8.69 -10.71 22.43
C ALA D 60 9.65 -10.96 23.58
N ARG D 61 10.92 -11.24 23.27
CA ARG D 61 11.91 -11.48 24.32
C ARG D 61 12.22 -10.20 25.09
N ASP D 62 12.20 -9.05 24.40
CA ASP D 62 12.43 -7.78 25.07
C ASP D 62 11.27 -7.39 25.96
N SER D 63 10.07 -7.94 25.74
CA SER D 63 8.91 -7.68 26.56
C SER D 63 8.73 -8.70 27.68
N LYS D 64 9.74 -9.56 27.89
CA LYS D 64 9.75 -10.60 28.93
C LYS D 64 8.57 -11.56 28.79
N LYS D 65 8.22 -11.89 27.55
CA LYS D 65 7.17 -12.85 27.25
C LYS D 65 7.74 -13.93 26.34
N VAL D 66 7.33 -15.18 26.59
CA VAL D 66 7.83 -16.32 25.83
C VAL D 66 6.90 -16.74 24.70
N ARG D 67 5.80 -16.02 24.50
CA ARG D 67 4.84 -16.34 23.46
C ARG D 67 4.65 -15.14 22.54
N ILE D 68 4.81 -15.36 21.24
CA ILE D 68 4.64 -14.28 20.26
C ILE D 68 3.15 -14.05 20.05
N SER D 69 2.71 -12.81 20.26
CA SER D 69 1.32 -12.42 20.15
C SER D 69 1.12 -11.54 18.92
N VAL D 70 -0.09 -11.03 18.76
CA VAL D 70 -0.42 -10.18 17.61
C VAL D 70 0.29 -8.84 17.71
N LYS D 71 0.34 -8.28 18.92
CA LYS D 71 0.99 -6.98 19.11
C LYS D 71 2.49 -7.06 18.86
N HIS D 72 3.12 -8.18 19.22
CA HIS D 72 4.55 -8.34 18.96
C HIS D 72 4.84 -8.46 17.47
N ILE D 73 3.96 -9.12 16.73
CA ILE D 73 4.09 -9.17 15.28
C ILE D 73 3.88 -7.78 14.68
N THR D 74 2.89 -7.04 15.19
CA THR D 74 2.64 -5.69 14.71
C THR D 74 3.81 -4.76 15.02
N LEU D 75 4.36 -4.84 16.24
CA LEU D 75 5.41 -3.92 16.65
C LEU D 75 6.72 -4.19 15.90
N ALA D 76 6.89 -5.41 15.41
CA ALA D 76 8.10 -5.73 14.65
C ALA D 76 8.07 -5.13 13.26
N ILE D 77 6.87 -4.84 12.73
CA ILE D 77 6.75 -4.39 11.35
C ILE D 77 7.20 -2.93 11.20
N GLN D 78 6.68 -2.02 12.02
CA GLN D 78 7.09 -0.63 11.88
C GLN D 78 8.49 -0.36 12.43
N ASN D 79 9.09 -1.31 13.13
CA ASN D 79 10.48 -1.17 13.55
C ASN D 79 11.47 -1.47 12.43
N ASP D 80 10.99 -2.00 11.30
CA ASP D 80 11.81 -2.21 10.11
C ASP D 80 11.21 -1.43 8.96
N ALA D 81 11.97 -0.48 8.41
CA ALA D 81 11.45 0.36 7.35
C ALA D 81 11.28 -0.43 6.05
N ALA D 82 12.14 -1.42 5.83
CA ALA D 82 12.06 -2.19 4.60
C ALA D 82 10.92 -3.18 4.62
N LEU D 83 10.62 -3.75 5.79
CA LEU D 83 9.53 -4.73 5.90
C LEU D 83 8.17 -4.05 5.85
N PHE D 84 8.09 -2.79 6.31
CA PHE D 84 6.80 -2.12 6.43
C PHE D 84 6.24 -1.74 5.07
N ALA D 85 7.11 -1.52 4.08
CA ALA D 85 6.66 -1.09 2.77
C ALA D 85 5.89 -2.19 2.04
N VAL D 86 6.22 -3.45 2.33
CA VAL D 86 5.54 -4.56 1.67
C VAL D 86 4.11 -4.70 2.16
N VAL D 87 3.90 -4.59 3.47
CA VAL D 87 2.59 -4.88 4.06
C VAL D 87 2.03 -3.64 4.76
N GLY D 88 2.35 -2.45 4.23
CA GLY D 88 1.83 -1.23 4.82
C GLY D 88 0.36 -0.99 4.56
N LYS D 89 -0.17 -1.52 3.46
CA LYS D 89 -1.59 -1.39 3.12
C LYS D 89 -2.43 -2.48 3.77
N GLY D 90 -1.82 -3.38 4.53
CA GLY D 90 -2.54 -4.48 5.13
C GLY D 90 -3.17 -4.10 6.46
N VAL D 91 -4.27 -4.78 6.79
CA VAL D 91 -4.97 -4.56 8.04
C VAL D 91 -4.32 -5.45 9.10
N PHE D 92 -3.57 -4.84 10.01
CA PHE D 92 -2.89 -5.58 11.09
C PHE D 92 -3.79 -5.63 12.33
N SER D 93 -5.02 -6.07 12.10
CA SER D 93 -5.96 -6.46 13.14
C SER D 93 -6.28 -5.33 14.11
N GLY D 94 -6.87 -4.27 13.56
CA GLY D 94 -7.28 -3.13 14.37
C GLY D 94 -6.12 -2.25 14.79
N LEU E 1 -18.92 11.81 5.31
CA LEU E 1 -18.15 12.61 6.26
C LEU E 1 -18.96 13.80 6.77
N ALA E 2 -19.13 14.80 5.92
CA ALA E 2 -19.83 16.02 6.33
C ALA E 2 -21.33 15.75 6.51
N ASP E 3 -21.96 15.10 5.54
CA ASP E 3 -23.41 14.91 5.53
C ASP E 3 -23.78 13.46 5.24
N HIS E 4 -22.95 12.52 5.69
CA HIS E 4 -23.28 11.11 5.54
C HIS E 4 -24.07 10.56 6.72
N VAL E 5 -24.33 11.38 7.74
CA VAL E 5 -25.15 10.98 8.87
C VAL E 5 -26.55 11.56 8.67
N SER E 6 -27.56 10.76 9.01
CA SER E 6 -28.95 11.17 8.87
C SER E 6 -29.71 10.87 10.16
N VAL E 7 -30.62 11.77 10.53
CA VAL E 7 -31.37 11.62 11.77
C VAL E 7 -32.43 10.54 11.59
N GLY E 8 -32.38 9.53 12.46
CA GLY E 8 -33.31 8.42 12.38
C GLY E 8 -32.61 7.07 12.40
N GLU E 9 -31.29 7.09 12.27
CA GLU E 9 -30.48 5.90 12.22
C GLU E 9 -29.55 5.85 13.43
N THR E 10 -29.29 4.64 13.91
CA THR E 10 -28.36 4.45 15.02
C THR E 10 -26.94 4.75 14.56
N GLN E 11 -26.18 5.43 15.42
CA GLN E 11 -24.84 5.90 15.09
C GLN E 11 -23.88 5.55 16.22
N ILE E 12 -22.61 5.83 15.97
CA ILE E 12 -21.53 5.56 16.94
C ILE E 12 -21.69 6.49 18.14
N PRO E 13 -21.58 5.99 19.37
CA PRO E 13 -21.70 6.87 20.53
C PRO E 13 -20.55 7.86 20.63
N LYS E 14 -20.81 8.97 21.33
CA LYS E 14 -19.87 10.08 21.37
C LYS E 14 -18.58 9.72 22.09
N ALA E 15 -18.67 8.93 23.17
CA ALA E 15 -17.45 8.53 23.87
C ALA E 15 -16.62 7.57 23.04
N SER E 16 -17.26 6.77 22.19
CA SER E 16 -16.51 5.89 21.29
C SER E 16 -15.83 6.68 20.19
N THR E 17 -16.37 7.86 19.84
CA THR E 17 -15.73 8.70 18.85
C THR E 17 -14.44 9.28 19.39
N GLN E 18 -14.43 9.60 20.69
CA GLN E 18 -13.25 10.17 21.32
C GLN E 18 -12.17 9.14 21.52
N HIS E 19 -12.55 7.88 21.76
CA HIS E 19 -11.57 6.82 21.94
C HIS E 19 -10.83 6.53 20.64
N LEU E 20 -11.46 6.81 19.50
CA LEU E 20 -10.80 6.66 18.21
C LEU E 20 -9.66 7.67 18.07
N LEU E 21 -9.85 8.86 18.63
CA LEU E 21 -8.81 9.89 18.55
C LEU E 21 -7.65 9.57 19.49
N ARG E 22 -7.94 8.90 20.60
CA ARG E 22 -6.90 8.54 21.55
C ARG E 22 -5.97 7.47 21.00
N LYS E 23 -6.52 6.55 20.21
CA LYS E 23 -5.69 5.52 19.59
C LYS E 23 -4.83 6.08 18.46
N ALA E 24 -5.21 7.22 17.90
CA ALA E 24 -4.41 7.90 16.89
C ALA E 24 -3.34 8.80 17.47
N GLY E 25 -3.29 8.93 18.79
CA GLY E 25 -2.28 9.74 19.44
C GLY E 25 -2.60 11.21 19.59
N SER E 26 -3.87 11.61 19.40
CA SER E 26 -4.27 13.00 19.51
C SER E 26 -4.43 13.37 20.99
N LEU E 27 -3.80 14.47 21.38
CA LEU E 27 -3.85 14.88 22.79
C LEU E 27 -5.05 15.77 23.08
N SER E 28 -5.56 16.48 22.08
CA SER E 28 -6.70 17.37 22.25
C SER E 28 -7.69 17.15 21.12
N ALA E 29 -8.98 17.17 21.45
CA ALA E 29 -10.04 16.90 20.50
C ALA E 29 -11.04 18.04 20.51
N ALA E 30 -11.49 18.45 19.33
CA ALA E 30 -12.51 19.49 19.24
C ALA E 30 -13.89 18.89 19.49
N GLY E 31 -14.84 19.76 19.86
CA GLY E 31 -16.19 19.34 20.14
C GLY E 31 -17.06 19.09 18.93
N ASP E 32 -16.61 19.52 17.75
CA ASP E 32 -17.33 19.26 16.50
C ASP E 32 -16.74 18.08 15.74
N THR E 33 -15.89 17.29 16.39
CA THR E 33 -15.20 16.18 15.75
C THR E 33 -16.09 14.94 15.66
N GLU E 34 -17.17 14.90 16.44
CA GLU E 34 -18.04 13.72 16.44
C GLU E 34 -18.80 13.57 15.12
N VAL E 35 -18.96 14.66 14.39
CA VAL E 35 -19.74 14.60 13.14
C VAL E 35 -18.95 13.97 11.99
N PRO E 36 -17.69 14.36 11.70
CA PRO E 36 -16.97 13.62 10.65
C PRO E 36 -16.61 12.20 11.02
N ILE E 37 -16.46 11.92 12.32
CA ILE E 37 -16.14 10.55 12.75
C ILE E 37 -17.34 9.64 12.48
N ARG E 38 -18.54 10.10 12.86
CA ARG E 38 -19.74 9.30 12.68
C ARG E 38 -20.03 9.10 11.19
N GLY E 39 -19.70 10.09 10.36
CA GLY E 39 -19.89 9.94 8.93
C GLY E 39 -18.96 8.91 8.32
N PHE E 40 -17.69 8.90 8.73
CA PHE E 40 -16.71 8.04 8.08
C PHE E 40 -16.90 6.58 8.45
N VAL E 41 -17.26 6.29 9.70
CA VAL E 41 -17.57 4.92 10.10
C VAL E 41 -18.84 4.46 9.39
N HIS E 42 -19.80 5.36 9.25
CA HIS E 42 -21.03 5.04 8.52
C HIS E 42 -20.76 4.86 7.03
N MET E 43 -19.81 5.62 6.48
CA MET E 43 -19.50 5.52 5.06
C MET E 43 -18.75 4.21 4.75
N LYS E 44 -17.81 3.84 5.62
CA LYS E 44 -17.02 2.63 5.36
C LYS E 44 -17.86 1.37 5.55
N LEU E 45 -18.82 1.40 6.48
CA LEU E 45 -19.70 0.25 6.64
C LEU E 45 -20.72 0.18 5.52
N HIS E 46 -21.17 1.33 5.01
CA HIS E 46 -22.04 1.34 3.84
C HIS E 46 -21.32 0.81 2.61
N LYS E 47 -20.02 1.12 2.47
CA LYS E 47 -19.25 0.59 1.35
C LYS E 47 -19.02 -0.91 1.52
N LEU E 48 -18.73 -1.35 2.74
CA LEU E 48 -18.42 -2.76 2.98
C LEU E 48 -19.64 -3.65 2.81
N VAL E 49 -20.81 -3.19 3.29
CA VAL E 49 -22.02 -3.99 3.18
C VAL E 49 -22.50 -4.08 1.74
N GLN E 50 -22.39 -2.97 0.99
CA GLN E 50 -22.89 -2.94 -0.39
C GLN E 50 -22.12 -3.90 -1.29
N LYS E 51 -20.79 -3.97 -1.12
CA LYS E 51 -20.01 -4.94 -1.88
C LYS E 51 -20.30 -6.36 -1.43
N SER E 52 -20.53 -6.55 -0.13
CA SER E 52 -20.72 -7.90 0.39
C SER E 52 -22.10 -8.46 0.06
N LEU E 53 -23.11 -7.59 -0.05
CA LEU E 53 -24.46 -8.05 -0.36
C LEU E 53 -24.55 -8.63 -1.77
N LEU E 54 -23.91 -7.99 -2.74
CA LEU E 54 -23.96 -8.51 -4.10
C LEU E 54 -23.07 -9.73 -4.27
N ALA E 55 -22.12 -9.93 -3.36
CA ALA E 55 -21.42 -11.21 -3.31
C ALA E 55 -22.32 -12.31 -2.78
N MET E 56 -23.27 -11.95 -1.90
CA MET E 56 -24.22 -12.92 -1.39
C MET E 56 -25.29 -13.26 -2.43
N GLN E 57 -25.72 -12.26 -3.20
CA GLN E 57 -26.78 -12.46 -4.18
C GLN E 57 -26.34 -13.41 -5.29
N LEU E 58 -25.08 -13.31 -5.72
CA LEU E 58 -24.59 -14.17 -6.79
C LEU E 58 -24.43 -15.60 -6.34
N ALA E 59 -24.15 -15.82 -5.05
CA ALA E 59 -24.01 -17.17 -4.50
C ALA E 59 -25.33 -17.75 -4.04
N LYS E 60 -26.44 -17.00 -4.17
CA LYS E 60 -27.80 -17.45 -3.82
C LYS E 60 -27.91 -17.87 -2.36
N ARG E 61 -27.39 -17.03 -1.46
CA ARG E 61 -27.50 -17.24 -0.02
C ARG E 61 -28.30 -16.10 0.60
N LYS E 62 -28.63 -16.26 1.88
CA LYS E 62 -29.38 -15.25 2.62
C LYS E 62 -28.66 -14.75 3.85
N THR E 63 -27.51 -15.33 4.22
CA THR E 63 -26.73 -14.88 5.36
C THR E 63 -25.37 -14.42 4.86
N ILE E 64 -24.92 -13.27 5.35
CA ILE E 64 -23.59 -12.78 5.00
C ILE E 64 -22.57 -13.57 5.81
N MET E 65 -21.81 -14.42 5.13
CA MET E 65 -20.79 -15.24 5.77
C MET E 65 -19.45 -14.49 5.75
N LYS E 66 -18.42 -15.15 6.29
CA LYS E 66 -17.11 -14.51 6.35
C LYS E 66 -16.44 -14.49 4.99
N SER E 67 -16.85 -15.37 4.07
CA SER E 67 -16.26 -15.37 2.74
C SER E 67 -16.76 -14.20 1.91
N ASP E 68 -18.01 -13.78 2.13
CA ASP E 68 -18.55 -12.65 1.38
C ASP E 68 -17.89 -11.34 1.78
N VAL E 69 -17.59 -11.18 3.07
CA VAL E 69 -16.88 -9.99 3.54
C VAL E 69 -15.44 -10.01 3.05
N LYS E 70 -14.82 -11.20 3.04
CA LYS E 70 -13.44 -11.33 2.58
C LYS E 70 -13.30 -10.99 1.10
N LYS E 71 -14.27 -11.43 0.29
CA LYS E 71 -14.27 -11.06 -1.12
C LYS E 71 -14.59 -9.58 -1.31
N ALA E 72 -15.38 -9.00 -0.40
CA ALA E 72 -15.60 -7.55 -0.44
C ALA E 72 -14.34 -6.80 -0.03
N ALA E 73 -13.53 -7.36 0.87
CA ALA E 73 -12.31 -6.70 1.30
C ALA E 73 -11.26 -6.68 0.21
N GLU E 74 -11.11 -7.78 -0.53
CA GLU E 74 -10.13 -7.84 -1.61
C GLU E 74 -10.62 -7.16 -2.88
N LEU E 75 -11.90 -6.82 -2.97
CA LEU E 75 -12.40 -6.08 -4.12
C LEU E 75 -12.00 -4.60 -4.06
N MET E 76 -11.79 -4.06 -2.86
CA MET E 76 -11.27 -2.71 -2.68
C MET E 76 -9.75 -2.66 -2.68
N HIS E 77 -9.09 -3.77 -3.03
CA HIS E 77 -7.62 -3.89 -3.04
C HIS E 77 -7.04 -3.59 -1.66
N LEU E 78 -7.72 -4.04 -0.62
CA LEU E 78 -7.26 -3.86 0.76
C LEU E 78 -7.03 -5.23 1.38
N PRO E 79 -5.77 -5.66 1.55
CA PRO E 79 -5.52 -6.97 2.15
C PRO E 79 -5.87 -7.00 3.64
N VAL E 80 -6.44 -8.11 4.08
CA VAL E 80 -6.86 -8.28 5.46
C VAL E 80 -6.22 -9.55 6.00
N PHE E 81 -5.39 -9.41 7.03
CA PHE E 81 -4.75 -10.54 7.68
C PHE E 81 -5.51 -11.03 8.91
N ALA E 82 -6.66 -10.43 9.22
CA ALA E 82 -7.48 -10.83 10.37
C ALA E 82 -8.61 -11.71 9.86
N ILE E 83 -8.40 -13.03 9.92
CA ILE E 83 -9.40 -14.00 9.50
C ILE E 83 -9.91 -14.73 10.73
N PRO E 84 -11.15 -14.46 11.15
CA PRO E 84 -11.69 -15.12 12.35
C PRO E 84 -12.05 -16.57 12.07
N THR E 85 -11.37 -17.48 12.77
CA THR E 85 -11.66 -18.90 12.69
C THR E 85 -12.54 -19.30 13.87
N LYS E 86 -12.73 -20.61 14.06
CA LYS E 86 -13.55 -21.11 15.15
C LYS E 86 -12.89 -20.96 16.51
N ASP E 87 -11.59 -20.69 16.57
CA ASP E 87 -10.87 -20.52 17.83
C ASP E 87 -10.85 -19.07 18.27
N SER E 88 -11.52 -18.18 17.54
CA SER E 88 -11.55 -16.76 17.89
C SER E 88 -12.31 -16.54 19.19
N GLY E 89 -11.95 -15.44 19.87
CA GLY E 89 -12.53 -15.13 21.16
C GLY E 89 -11.80 -15.71 22.35
N ALA E 90 -10.52 -16.05 22.20
CA ALA E 90 -9.84 -16.80 23.25
C ALA E 90 -9.42 -15.92 24.41
N LYS E 91 -8.47 -15.01 24.18
CA LYS E 91 -7.93 -14.18 25.26
C LYS E 91 -7.17 -13.02 24.63
N GLY E 92 -7.66 -11.80 24.87
CA GLY E 92 -7.02 -10.63 24.29
C GLY E 92 -7.05 -10.62 22.78
N SER E 93 -8.10 -11.16 22.20
CA SER E 93 -8.19 -11.27 20.75
C SER E 93 -8.45 -9.91 20.12
N VAL E 94 -8.15 -9.82 18.82
CA VAL E 94 -8.29 -8.56 18.11
C VAL E 94 -9.74 -8.35 17.65
N PHE E 95 -10.56 -9.39 17.74
CA PHE E 95 -11.96 -9.30 17.33
C PHE E 95 -12.90 -9.00 18.49
N LEU E 96 -12.38 -8.76 19.68
CA LEU E 96 -13.21 -8.47 20.84
C LEU E 96 -13.37 -6.95 21.02
N SER E 97 -14.28 -6.58 21.91
CA SER E 97 -14.54 -5.19 22.25
C SER E 97 -13.99 -4.89 23.64
N CYS F 1 -14.09 -3.60 24.01
CA CYS F 1 -13.61 -3.17 25.32
C CYS F 1 -14.43 -3.75 26.47
N ARG F 2 -15.75 -3.82 26.32
CA ARG F 2 -16.63 -4.35 27.36
C ARG F 2 -16.79 -5.86 27.27
N GLN F 3 -16.18 -6.50 26.28
CA GLN F 3 -16.29 -7.94 26.12
C GLN F 3 -15.50 -8.64 27.21
N LYS F 4 -16.04 -9.79 27.65
CA LYS F 4 -15.38 -10.57 28.69
C LYS F 4 -14.08 -11.19 28.16
N GLY F 5 -13.06 -11.21 29.03
CA GLY F 5 -11.74 -11.76 28.73
C GLY F 5 -11.09 -11.04 27.55
N ALA F 6 -11.07 -9.71 27.60
CA ALA F 6 -10.43 -8.89 26.59
C ALA F 6 -9.34 -8.05 27.23
N GLY F 7 -8.27 -7.81 26.47
CA GLY F 7 -7.17 -6.99 26.94
C GLY F 7 -7.45 -5.51 26.82
N SER F 8 -8.34 -5.01 27.68
CA SER F 8 -8.75 -3.61 27.59
C SER F 8 -7.65 -2.68 28.11
N ALA F 9 -6.98 -3.07 29.19
CA ALA F 9 -5.87 -2.36 29.82
C ALA F 9 -6.24 -0.98 30.34
N GLY F 10 -7.53 -0.66 30.37
CA GLY F 10 -7.96 0.59 30.98
C GLY F 10 -8.67 0.34 32.30
N THR F 11 -8.43 1.22 33.26
CA THR F 11 -8.97 1.07 34.61
C THR F 11 -9.91 2.25 34.95
N GLY F 12 -11.16 2.13 34.50
CA GLY F 12 -12.18 3.11 34.85
C GLY F 12 -11.93 4.45 34.18
N SER F 13 -12.18 5.52 34.93
CA SER F 13 -11.98 6.86 34.40
C SER F 13 -10.49 7.21 34.38
N GLU F 14 -10.05 7.75 33.24
CA GLU F 14 -8.65 8.15 33.08
C GLU F 14 -8.62 9.53 32.46
N THR F 15 -7.48 10.21 32.63
CA THR F 15 -7.29 11.52 32.03
C THR F 15 -6.97 11.37 30.55
N ASN F 16 -6.80 12.50 29.86
CA ASN F 16 -6.56 12.48 28.43
C ASN F 16 -5.14 11.99 28.12
N SER F 17 -4.17 12.43 28.92
CA SER F 17 -2.79 12.01 28.70
C SER F 17 -2.60 10.51 28.96
N GLN F 18 -3.24 10.00 30.03
CA GLN F 18 -3.12 8.57 30.33
C GLN F 18 -3.94 7.71 29.38
N GLU F 19 -4.91 8.29 28.67
CA GLU F 19 -5.71 7.50 27.73
C GLU F 19 -4.92 7.18 26.48
N VAL F 20 -3.97 8.03 26.10
CA VAL F 20 -3.16 7.78 24.91
C VAL F 20 -2.21 6.60 25.15
N ARG F 21 -1.59 6.56 26.33
CA ARG F 21 -0.68 5.46 26.64
C ARG F 21 -1.44 4.16 26.86
N SER F 22 -2.64 4.23 27.41
CA SER F 22 -3.43 3.02 27.65
C SER F 22 -3.95 2.43 26.34
N GLN F 23 -4.36 3.29 25.41
CA GLN F 23 -4.90 2.80 24.15
C GLN F 23 -3.81 2.31 23.20
N MET F 24 -2.56 2.69 23.43
CA MET F 24 -1.44 2.19 22.65
C MET F 24 -0.95 0.84 23.15
N ARG F 25 -1.51 0.34 24.26
CA ARG F 25 -1.10 -0.94 24.83
C ARG F 25 -2.14 -2.02 24.65
N SER F 26 -3.39 -1.67 24.37
CA SER F 26 -4.49 -2.61 24.23
C SER F 26 -4.62 -3.05 22.77
N THR F 27 -5.36 -4.13 22.56
CA THR F 27 -5.60 -4.67 21.23
C THR F 27 -7.08 -4.86 20.89
N CYS F 28 -7.97 -4.60 21.83
CA CYS F 28 -9.40 -4.82 21.59
C CYS F 28 -10.01 -3.67 20.81
N LEU F 29 -11.11 -3.95 20.12
CA LEU F 29 -11.82 -2.94 19.38
C LEU F 29 -12.63 -2.05 20.33
N ILE F 30 -12.97 -0.86 19.88
CA ILE F 30 -13.48 0.18 20.76
C ILE F 30 -14.88 0.64 20.38
N ILE F 31 -15.57 -0.10 19.52
CA ILE F 31 -17.00 0.11 19.27
C ILE F 31 -17.76 -1.09 19.79
N PRO F 32 -18.84 -0.90 20.55
CA PRO F 32 -19.57 -2.05 21.12
C PRO F 32 -20.19 -2.93 20.04
N LYS F 33 -20.24 -4.23 20.34
CA LYS F 33 -20.67 -5.22 19.35
C LYS F 33 -22.16 -5.11 19.03
N GLU F 34 -22.97 -4.77 20.03
CA GLU F 34 -24.42 -4.70 19.82
C GLU F 34 -24.79 -3.54 18.90
N ARG F 35 -24.17 -2.38 19.10
CA ARG F 35 -24.48 -1.23 18.27
C ARG F 35 -23.87 -1.36 16.88
N PHE F 36 -22.81 -2.15 16.74
CA PHE F 36 -22.26 -2.39 15.41
C PHE F 36 -23.13 -3.37 14.63
N ARG F 37 -23.71 -4.36 15.31
CA ARG F 37 -24.65 -5.26 14.66
C ARG F 37 -25.92 -4.52 14.25
N THR F 38 -26.40 -3.61 15.10
CA THR F 38 -27.58 -2.82 14.79
C THR F 38 -27.36 -1.95 13.56
N MET F 39 -26.19 -1.33 13.45
CA MET F 39 -25.87 -0.55 12.26
C MET F 39 -25.69 -1.46 11.04
N ALA F 40 -25.12 -2.65 11.23
CA ALA F 40 -24.83 -3.52 10.10
C ALA F 40 -26.11 -4.05 9.47
N LYS F 41 -27.12 -4.35 10.29
CA LYS F 41 -28.38 -4.83 9.76
C LYS F 41 -29.21 -3.69 9.17
N GLU F 42 -29.05 -2.48 9.71
CA GLU F 42 -29.88 -1.36 9.28
C GLU F 42 -29.55 -0.91 7.86
N ILE F 43 -28.25 -0.83 7.52
CA ILE F 43 -27.86 -0.47 6.15
C ILE F 43 -28.20 -1.58 5.18
N SER F 44 -28.05 -2.84 5.61
CA SER F 44 -28.40 -3.95 4.73
C SER F 44 -29.90 -4.05 4.51
N LYS F 45 -30.70 -3.42 5.38
CA LYS F 45 -32.14 -3.41 5.19
C LYS F 45 -32.57 -2.51 4.04
N LYS F 46 -31.73 -1.54 3.66
CA LYS F 46 -32.08 -0.65 2.56
C LYS F 46 -31.93 -1.32 1.20
N GLU F 47 -31.11 -2.37 1.11
CA GLU F 47 -30.94 -3.10 -0.14
C GLU F 47 -31.65 -4.45 -0.16
N GLY F 48 -31.40 -5.31 0.81
CA GLY F 48 -32.06 -6.59 0.87
C GLY F 48 -32.78 -6.83 2.19
N HIS F 49 -34.09 -6.98 2.14
CA HIS F 49 -34.87 -7.15 3.35
C HIS F 49 -34.65 -8.53 3.96
N ASP F 50 -34.59 -8.56 5.29
CA ASP F 50 -34.45 -9.77 6.10
C ASP F 50 -33.19 -10.56 5.73
N VAL F 51 -32.04 -9.93 5.98
CA VAL F 51 -30.74 -10.54 5.76
C VAL F 51 -30.09 -10.78 7.11
N HIS F 52 -29.75 -12.03 7.39
CA HIS F 52 -29.05 -12.39 8.63
C HIS F 52 -27.56 -12.12 8.46
N ILE F 53 -26.91 -11.76 9.57
CA ILE F 53 -25.48 -11.47 9.58
C ILE F 53 -24.81 -12.46 10.52
N ALA F 54 -23.79 -13.16 10.03
CA ALA F 54 -23.06 -14.12 10.83
C ALA F 54 -22.15 -13.40 11.82
N GLU F 55 -21.84 -14.08 12.93
CA GLU F 55 -20.98 -13.49 13.94
C GLU F 55 -19.53 -13.40 13.46
N ALA F 56 -19.11 -14.35 12.61
CA ALA F 56 -17.77 -14.29 12.05
C ALA F 56 -17.64 -13.13 11.07
N ALA F 57 -18.72 -12.82 10.34
CA ALA F 57 -18.68 -11.70 9.41
C ALA F 57 -18.67 -10.36 10.14
N LEU F 58 -19.31 -10.29 11.31
CA LEU F 58 -19.33 -9.04 12.07
C LEU F 58 -17.95 -8.69 12.60
N ASP F 59 -17.16 -9.69 12.98
CA ASP F 59 -15.82 -9.43 13.50
C ASP F 59 -14.89 -8.91 12.42
N MET F 60 -14.99 -9.47 11.21
CA MET F 60 -14.15 -9.00 10.12
C MET F 60 -14.59 -7.63 9.61
N LEU F 61 -15.90 -7.36 9.67
CA LEU F 61 -16.39 -6.04 9.28
C LEU F 61 -15.91 -4.96 10.24
N GLN F 62 -15.86 -5.27 11.53
CA GLN F 62 -15.48 -4.26 12.51
C GLN F 62 -13.98 -3.99 12.49
N VAL F 63 -13.18 -5.02 12.21
CA VAL F 63 -11.73 -4.86 12.19
C VAL F 63 -11.30 -3.97 11.03
N ILE F 64 -11.95 -4.12 9.87
CA ILE F 64 -11.64 -3.29 8.71
C ILE F 64 -12.00 -1.83 8.99
N VAL F 65 -13.15 -1.61 9.66
CA VAL F 65 -13.59 -0.25 9.95
C VAL F 65 -12.67 0.42 10.97
N GLU F 66 -12.23 -0.32 11.99
CA GLU F 66 -11.33 0.25 12.99
C GLU F 66 -10.00 0.66 12.39
N SER F 67 -9.41 -0.21 11.55
CA SER F 67 -8.10 0.08 10.98
C SER F 67 -8.16 1.21 9.96
N CYS F 68 -9.26 1.32 9.23
CA CYS F 68 -9.39 2.41 8.26
C CYS F 68 -9.67 3.74 8.94
N THR F 69 -10.42 3.72 10.05
CA THR F 69 -10.74 4.96 10.75
C THR F 69 -9.51 5.50 11.49
N VAL F 70 -8.75 4.61 12.13
CA VAL F 70 -7.54 5.03 12.85
C VAL F 70 -6.49 5.54 11.87
N ARG F 71 -6.39 4.91 10.69
CA ARG F 71 -5.43 5.35 9.68
C ARG F 71 -5.77 6.75 9.16
N LEU F 72 -7.06 7.04 9.02
CA LEU F 72 -7.47 8.39 8.62
C LEU F 72 -7.13 9.41 9.69
N LEU F 73 -7.33 9.06 10.96
CA LEU F 73 -7.11 10.01 12.04
C LEU F 73 -5.63 10.25 12.29
N GLU F 74 -4.81 9.22 12.09
CA GLU F 74 -3.37 9.41 12.14
C GLU F 74 -2.90 10.35 11.02
N LYS F 75 -3.55 10.26 9.86
CA LYS F 75 -3.31 11.22 8.80
C LYS F 75 -3.88 12.59 9.13
N ALA F 76 -5.01 12.61 9.86
CA ALA F 76 -5.61 13.89 10.23
C ALA F 76 -4.78 14.59 11.30
N LEU F 77 -4.05 13.83 12.11
CA LEU F 77 -3.19 14.42 13.13
C LEU F 77 -1.97 15.09 12.50
N VAL F 78 -1.51 14.57 11.35
CA VAL F 78 -0.34 15.12 10.68
C VAL F 78 -0.64 16.50 10.13
N ILE F 79 -1.83 16.69 9.55
CA ILE F 79 -2.24 18.00 9.03
C ILE F 79 -2.37 19.00 10.17
N THR F 80 -2.91 18.55 11.31
CA THR F 80 -3.00 19.43 12.49
C THR F 80 -1.62 19.83 12.99
N TYR F 81 -0.69 18.88 13.04
CA TYR F 81 0.66 19.21 13.51
C TYR F 81 1.44 20.01 12.46
N SER F 82 1.06 19.90 11.18
CA SER F 82 1.73 20.69 10.16
C SER F 82 1.29 22.14 10.17
N GLY F 83 0.13 22.44 10.75
CA GLY F 83 -0.37 23.79 10.81
C GLY F 83 -0.02 24.48 12.11
N LYS F 84 0.97 23.93 12.83
CA LYS F 84 1.43 24.45 14.12
C LYS F 84 0.31 24.55 15.15
N ARG F 85 -0.58 23.55 15.16
CA ARG F 85 -1.68 23.49 16.10
C ARG F 85 -1.69 22.12 16.76
N THR F 86 -2.25 22.07 17.97
CA THR F 86 -2.31 20.83 18.75
C THR F 86 -3.74 20.32 18.94
N ARG F 87 -4.72 20.90 18.26
CA ARG F 87 -6.12 20.52 18.43
C ARG F 87 -6.66 20.06 17.07
N VAL F 88 -7.07 18.80 16.99
CA VAL F 88 -7.65 18.27 15.76
C VAL F 88 -9.08 18.78 15.63
N THR F 89 -9.38 19.42 14.52
CA THR F 89 -10.69 20.00 14.26
C THR F 89 -11.41 19.21 13.18
N SER F 90 -12.62 19.67 12.85
CA SER F 90 -13.42 19.00 11.82
C SER F 90 -12.84 19.22 10.43
N LYS F 91 -12.19 20.37 10.22
CA LYS F 91 -11.60 20.66 8.92
C LYS F 91 -10.40 19.77 8.64
N ASP F 92 -9.66 19.41 9.69
CA ASP F 92 -8.46 18.58 9.52
C ASP F 92 -8.81 17.17 9.05
N ILE F 93 -9.88 16.60 9.60
CA ILE F 93 -10.30 15.26 9.21
C ILE F 93 -10.86 15.27 7.79
N GLU F 94 -11.64 16.29 7.44
CA GLU F 94 -12.19 16.38 6.09
C GLU F 94 -11.09 16.64 5.07
N THR F 95 -10.04 17.38 5.45
CA THR F 95 -8.90 17.56 4.57
C THR F 95 -8.15 16.25 4.37
N ALA F 96 -8.01 15.45 5.42
CA ALA F 96 -7.31 14.18 5.33
C ALA F 96 -8.06 13.19 4.45
N PHE F 97 -9.39 13.21 4.51
CA PHE F 97 -10.18 12.35 3.65
C PHE F 97 -10.12 12.81 2.20
N MET F 98 -10.11 14.13 1.98
CA MET F 98 -10.08 14.68 0.63
C MET F 98 -8.73 14.45 -0.05
N LEU F 99 -7.64 14.42 0.71
CA LEU F 99 -6.31 14.25 0.15
C LEU F 99 -6.04 12.86 -0.40
N GLU F 100 -6.88 11.87 -0.09
CA GLU F 100 -6.74 10.54 -0.65
C GLU F 100 -7.88 10.14 -1.58
N HIS F 101 -9.07 10.72 -1.43
CA HIS F 101 -10.23 10.40 -2.27
C HIS F 101 -10.82 11.71 -2.78
N GLY F 102 -10.36 12.17 -3.94
CA GLY F 102 -10.86 13.39 -4.52
C GLY F 102 -9.82 14.15 -5.34
#